data_7CXZ
#
_entry.id   7CXZ
#
_cell.length_a   91.073
_cell.length_b   46.820
_cell.length_c   56.126
_cell.angle_alpha   90.000
_cell.angle_beta   100.940
_cell.angle_gamma   90.000
#
_symmetry.space_group_name_H-M   'C 1 2 1'
#
loop_
_entity.id
_entity.type
_entity.pdbx_description
1 polymer 'Plant cysteine oxidase 2'
2 non-polymer 'FE (III) ION'
3 non-polymer 2-AMINO-2-HYDROXYMETHYL-PROPANE-1,3-DIOL
4 non-polymer 'NICKEL (II) ION'
5 water water
#
_entity_poly.entity_id   1
_entity_poly.type   'polypeptide(L)'
_entity_poly.pdbx_seq_one_letter_code
;MHHHHHHSSGRENLYFQGHMQKLFDTCKKVFADGKSGTVPSQENIEMLRAVLDEIKPEDVGVNPKMSYFRSTVTGRSPLV
TYLHIYACHRFSICIFCLPPSGVIPLHNHPEMTVFSKLLFGTMHIKSYDWVPDSPQPSSDTRLAKVKVDSDFTAPCDTSI
LYPADGGNMHCFTAKTACAVLDVIGPPYSDPAGRHCTYYFDYPFSSFSVDGVVVAEEEKEGYAWLKEREEKPEDLTVTAL
MYSGPTIKE
;
_entity_poly.pdbx_strand_id   A
#
# COMPACT_ATOMS: atom_id res chain seq x y z
N MET A 1 -0.81 -0.71 9.31
CA MET A 1 -0.17 -2.04 9.41
C MET A 1 1.33 -1.84 9.57
N HIS A 2 1.70 -0.59 9.68
CA HIS A 2 3.09 -0.19 9.93
C HIS A 2 3.05 1.16 10.64
N HIS A 3 1.87 1.77 10.69
CA HIS A 3 1.89 3.11 11.25
C HIS A 3 1.96 3.10 12.77
N HIS A 4 1.95 1.91 13.38
CA HIS A 4 2.20 1.76 14.81
C HIS A 4 3.69 1.66 15.15
N HIS A 5 4.56 1.50 14.15
CA HIS A 5 5.98 1.34 14.46
C HIS A 5 6.57 2.66 14.95
N HIS A 6 7.45 2.58 15.94
CA HIS A 6 8.11 3.78 16.45
C HIS A 6 9.31 4.09 15.57
N HIS A 7 9.35 5.31 15.02
CA HIS A 7 10.40 5.76 14.13
CA HIS A 7 10.47 5.73 14.20
C HIS A 7 10.70 7.21 14.41
N SER A 8 11.86 7.67 13.95
CA SER A 8 12.28 9.06 14.07
C SER A 8 11.70 9.84 12.90
N SER A 9 10.50 10.40 13.10
CA SER A 9 9.85 11.20 12.06
C SER A 9 10.57 12.52 11.86
N GLY A 10 10.81 12.88 10.61
CA GLY A 10 11.56 14.09 10.30
C GLY A 10 13.01 14.02 10.71
N ARG A 11 13.58 12.81 10.74
CA ARG A 11 14.96 12.61 11.18
C ARG A 11 15.91 13.54 10.44
N GLU A 12 16.88 14.10 11.18
CA GLU A 12 17.78 15.08 10.60
C GLU A 12 18.92 14.42 9.84
N ASN A 13 19.53 13.38 10.40
CA ASN A 13 20.68 12.76 9.78
C ASN A 13 20.23 11.57 8.94
N LEU A 14 20.59 11.60 7.66
CA LEU A 14 20.24 10.55 6.70
C LEU A 14 21.49 10.29 5.89
N TYR A 15 21.56 9.10 5.28
CA TYR A 15 22.64 8.83 4.32
C TYR A 15 22.04 8.08 3.14
N PHE A 16 21.86 8.80 2.04
CA PHE A 16 21.39 8.29 0.78
C PHE A 16 22.36 8.72 -0.32
N GLN A 17 22.45 7.91 -1.38
CA GLN A 17 23.20 8.29 -2.57
C GLN A 17 22.38 7.94 -3.81
N GLY A 18 22.86 8.38 -4.98
CA GLY A 18 22.32 7.89 -6.24
C GLY A 18 20.80 8.03 -6.36
N HIS A 19 20.16 6.95 -6.77
CA HIS A 19 18.70 6.98 -6.96
C HIS A 19 17.96 7.26 -5.66
N MET A 20 18.41 6.68 -4.54
CA MET A 20 17.70 6.95 -3.29
C MET A 20 17.77 8.42 -2.92
N GLN A 21 18.94 9.05 -3.10
CA GLN A 21 19.02 10.48 -2.82
C GLN A 21 18.05 11.26 -3.68
N LYS A 22 17.99 10.92 -4.98
CA LYS A 22 17.09 11.60 -5.90
C LYS A 22 15.64 11.38 -5.47
N LEU A 23 15.32 10.15 -5.09
CA LEU A 23 13.97 9.86 -4.62
C LEU A 23 13.60 10.73 -3.43
N PHE A 24 14.49 10.80 -2.43
CA PHE A 24 14.20 11.60 -1.24
C PHE A 24 13.99 13.06 -1.59
N ASP A 25 14.90 13.63 -2.40
CA ASP A 25 14.79 15.04 -2.74
C ASP A 25 13.51 15.30 -3.51
N THR A 26 13.13 14.37 -4.39
CA THR A 26 11.92 14.55 -5.17
C THR A 26 10.69 14.52 -4.28
N CYS A 27 10.62 13.56 -3.34
CA CYS A 27 9.49 13.53 -2.41
C CYS A 27 9.36 14.81 -1.61
N LYS A 28 10.46 15.40 -1.15
CA LYS A 28 10.32 16.62 -0.37
C LYS A 28 9.62 17.71 -1.17
N LYS A 29 9.91 17.79 -2.47
CA LYS A 29 9.24 18.77 -3.33
C LYS A 29 7.79 18.38 -3.62
N VAL A 30 7.57 17.11 -3.97
CA VAL A 30 6.28 16.65 -4.49
C VAL A 30 5.17 16.81 -3.45
N PHE A 31 5.46 16.56 -2.18
CA PHE A 31 4.41 16.48 -1.16
C PHE A 31 4.32 17.72 -0.28
N ALA A 32 5.08 18.77 -0.59
CA ALA A 32 5.23 19.87 0.38
C ALA A 32 4.00 20.75 0.50
N ASP A 33 3.19 20.89 -0.55
CA ASP A 33 2.27 22.02 -0.61
C ASP A 33 0.81 21.65 -0.40
N GLY A 34 0.07 22.60 0.17
CA GLY A 34 -1.36 22.44 0.34
C GLY A 34 -1.71 21.76 1.65
N LYS A 35 -2.99 21.88 2.04
CA LYS A 35 -3.45 21.26 3.28
C LYS A 35 -3.28 19.75 3.21
N SER A 36 -3.33 19.14 4.39
CA SER A 36 -3.20 17.69 4.51
C SER A 36 -4.13 16.98 3.55
N GLY A 37 -3.59 16.00 2.84
CA GLY A 37 -4.38 15.24 1.90
C GLY A 37 -4.36 15.79 0.49
N THR A 38 -3.75 16.96 0.29
CA THR A 38 -3.64 17.50 -1.06
C THR A 38 -2.92 16.50 -1.98
N VAL A 39 -3.56 16.19 -3.10
CA VAL A 39 -2.86 15.39 -4.12
C VAL A 39 -1.81 16.25 -4.81
N PRO A 40 -0.59 15.77 -4.97
CA PRO A 40 0.45 16.58 -5.65
C PRO A 40 0.02 16.89 -7.08
N SER A 41 0.62 17.95 -7.61
CA SER A 41 0.35 18.34 -8.98
C SER A 41 0.69 17.22 -9.95
N GLN A 42 0.00 17.22 -11.09
CA GLN A 42 0.23 16.17 -12.07
C GLN A 42 1.65 16.20 -12.58
N GLU A 43 2.25 17.40 -12.71
CA GLU A 43 3.65 17.46 -13.12
C GLU A 43 4.56 16.81 -12.06
N ASN A 44 4.29 17.05 -10.78
CA ASN A 44 5.09 16.46 -9.73
C ASN A 44 4.85 14.95 -9.61
N ILE A 45 3.62 14.49 -9.86
CA ILE A 45 3.35 13.05 -9.87
C ILE A 45 4.16 12.36 -10.95
N GLU A 46 4.18 12.94 -12.15
CA GLU A 46 4.95 12.35 -13.23
C GLU A 46 6.43 12.31 -12.89
N MET A 47 6.94 13.40 -12.29
CA MET A 47 8.35 13.46 -11.92
C MET A 47 8.72 12.33 -10.95
N LEU A 48 7.92 12.16 -9.91
CA LEU A 48 8.23 11.13 -8.92
C LEU A 48 8.08 9.73 -9.50
N ARG A 49 7.04 9.52 -10.31
CA ARG A 49 6.86 8.24 -10.95
C ARG A 49 8.08 7.86 -11.79
N ALA A 50 8.63 8.83 -12.52
CA ALA A 50 9.80 8.57 -13.35
C ALA A 50 11.04 8.28 -12.51
N VAL A 51 11.22 8.99 -11.40
CA VAL A 51 12.34 8.67 -10.50
C VAL A 51 12.21 7.24 -9.97
N LEU A 52 11.02 6.87 -9.52
CA LEU A 52 10.82 5.51 -9.02
C LEU A 52 11.02 4.46 -10.10
N ASP A 53 10.59 4.76 -11.34
CA ASP A 53 10.72 3.79 -12.41
C ASP A 53 12.15 3.49 -12.82
N GLU A 54 13.13 4.31 -12.40
CA GLU A 54 14.54 3.98 -12.63
C GLU A 54 15.10 3.04 -11.56
N ILE A 55 14.39 2.80 -10.46
CA ILE A 55 15.00 2.14 -9.32
C ILE A 55 14.88 0.63 -9.43
N LYS A 56 15.99 -0.07 -9.19
CA LYS A 56 16.04 -1.52 -9.14
C LYS A 56 16.23 -1.96 -7.69
N PRO A 57 15.90 -3.20 -7.34
CA PRO A 57 16.08 -3.60 -5.93
C PRO A 57 17.50 -3.38 -5.44
N GLU A 58 18.51 -3.61 -6.28
CA GLU A 58 19.89 -3.41 -5.82
C GLU A 58 20.12 -1.97 -5.41
N ASP A 59 19.46 -1.02 -6.06
CA ASP A 59 19.70 0.39 -5.76
C ASP A 59 19.25 0.76 -4.36
N VAL A 60 18.29 0.04 -3.80
CA VAL A 60 17.83 0.35 -2.46
C VAL A 60 18.23 -0.73 -1.47
N GLY A 61 19.19 -1.56 -1.86
CA GLY A 61 19.87 -2.43 -0.93
C GLY A 61 19.07 -3.60 -0.42
N VAL A 62 18.17 -4.16 -1.24
CA VAL A 62 17.46 -5.38 -0.84
C VAL A 62 17.69 -6.46 -1.90
N ASN A 63 17.73 -7.71 -1.45
CA ASN A 63 17.85 -8.84 -2.36
C ASN A 63 17.04 -9.99 -1.77
N PRO A 64 16.60 -10.93 -2.60
CA PRO A 64 15.67 -11.98 -2.10
C PRO A 64 16.31 -12.97 -1.16
N LYS A 65 17.63 -12.95 -0.99
CA LYS A 65 18.30 -13.88 -0.08
C LYS A 65 18.26 -13.40 1.36
N MET A 66 17.80 -12.18 1.61
CA MET A 66 17.81 -11.69 2.97
C MET A 66 16.80 -12.42 3.82
N SER A 67 17.03 -12.42 5.14
CA SER A 67 16.19 -13.17 6.05
C SER A 67 14.75 -12.66 6.05
N TYR A 68 14.54 -11.39 5.69
CA TYR A 68 13.19 -10.80 5.69
C TYR A 68 12.25 -11.51 4.74
N PHE A 69 12.76 -12.31 3.81
CA PHE A 69 11.95 -12.93 2.78
C PHE A 69 11.68 -14.40 3.06
N ARG A 70 11.97 -14.84 4.28
CA ARG A 70 11.65 -16.18 4.74
C ARG A 70 10.92 -16.06 6.08
N SER A 71 9.90 -16.90 6.27
CA SER A 71 9.24 -17.04 7.57
C SER A 71 9.10 -18.52 7.88
N THR A 72 9.11 -18.84 9.17
CA THR A 72 8.87 -20.21 9.61
C THR A 72 7.60 -20.35 10.42
N VAL A 73 6.86 -19.24 10.64
CA VAL A 73 5.67 -19.29 11.47
C VAL A 73 4.66 -20.25 10.85
N THR A 74 3.86 -20.86 11.73
CA THR A 74 2.77 -21.74 11.32
C THR A 74 1.51 -21.29 12.05
N GLY A 75 0.36 -21.74 11.55
CA GLY A 75 -0.93 -21.31 12.07
C GLY A 75 -1.41 -20.00 11.51
N ARG A 76 -0.56 -19.26 10.80
CA ARG A 76 -0.93 -17.99 10.22
C ARG A 76 -0.03 -17.73 9.02
N SER A 77 -0.32 -16.66 8.29
CA SER A 77 0.47 -16.33 7.12
C SER A 77 1.83 -15.80 7.57
N PRO A 78 2.84 -15.87 6.69
CA PRO A 78 4.20 -15.45 7.05
C PRO A 78 4.29 -14.00 7.53
N LEU A 79 5.21 -13.75 8.45
CA LEU A 79 5.41 -12.38 8.90
C LEU A 79 5.94 -11.52 7.76
N VAL A 80 5.39 -10.32 7.63
CA VAL A 80 5.84 -9.32 6.67
C VAL A 80 6.70 -8.32 7.41
N THR A 81 7.91 -8.08 6.92
CA THR A 81 8.86 -7.17 7.57
C THR A 81 8.78 -5.77 6.96
N TYR A 82 8.76 -4.76 7.83
CA TYR A 82 8.72 -3.36 7.46
C TYR A 82 10.14 -2.80 7.55
N LEU A 83 10.64 -2.22 6.46
CA LEU A 83 11.91 -1.52 6.44
C LEU A 83 11.63 -0.03 6.32
N HIS A 84 11.94 0.70 7.38
CA HIS A 84 11.69 2.14 7.41
C HIS A 84 12.84 2.87 6.72
N ILE A 85 12.52 3.69 5.73
CA ILE A 85 13.54 4.53 5.12
C ILE A 85 13.45 5.97 5.64
N TYR A 86 12.26 6.59 5.56
CA TYR A 86 12.10 7.97 6.03
C TYR A 86 10.62 8.25 6.19
N ALA A 87 10.27 9.04 7.21
CA ALA A 87 8.91 9.59 7.25
C ALA A 87 8.94 10.96 7.88
N CYS A 88 7.99 11.80 7.46
CA CYS A 88 7.65 13.05 8.12
C CYS A 88 6.15 13.25 7.96
N HIS A 89 5.63 14.42 8.40
CA HIS A 89 4.17 14.56 8.38
C HIS A 89 3.61 14.57 6.98
N ARG A 90 4.43 14.78 5.94
CA ARG A 90 3.90 14.87 4.59
C ARG A 90 4.07 13.61 3.78
N PHE A 91 5.06 12.78 4.09
CA PHE A 91 5.21 11.54 3.31
C PHE A 91 6.08 10.56 4.08
N SER A 92 5.99 9.30 3.65
CA SER A 92 6.81 8.19 4.12
C SER A 92 7.38 7.43 2.93
N ILE A 93 8.61 6.93 3.10
CA ILE A 93 9.24 6.03 2.13
C ILE A 93 9.61 4.77 2.89
N CYS A 94 9.28 3.61 2.32
CA CYS A 94 9.54 2.37 3.03
C CYS A 94 9.50 1.18 2.08
N ILE A 95 10.00 0.05 2.57
CA ILE A 95 9.97 -1.19 1.81
C ILE A 95 9.29 -2.26 2.64
N PHE A 96 8.35 -2.97 2.03
CA PHE A 96 7.70 -4.10 2.65
C PHE A 96 8.32 -5.37 2.09
N CYS A 97 8.68 -6.29 2.98
CA CYS A 97 9.34 -7.55 2.62
C CYS A 97 8.37 -8.68 2.91
N LEU A 98 7.84 -9.32 1.86
CA LEU A 98 6.86 -10.38 2.00
C LEU A 98 7.49 -11.71 1.64
N PRO A 99 7.61 -12.66 2.59
CA PRO A 99 7.91 -14.05 2.19
C PRO A 99 6.80 -14.57 1.29
N PRO A 100 7.03 -15.64 0.55
CA PRO A 100 5.93 -16.27 -0.19
C PRO A 100 4.74 -16.52 0.73
N SER A 101 3.55 -16.16 0.24
CA SER A 101 2.25 -16.29 0.89
C SER A 101 2.03 -15.21 1.95
N GLY A 102 2.98 -14.31 2.16
CA GLY A 102 2.73 -13.16 3.01
C GLY A 102 1.66 -12.27 2.40
N VAL A 103 0.91 -11.59 3.26
CA VAL A 103 -0.26 -10.81 2.86
C VAL A 103 -0.27 -9.46 3.56
N ILE A 104 -0.63 -8.42 2.80
CA ILE A 104 -1.08 -7.18 3.42
C ILE A 104 -2.57 -7.14 3.14
N PRO A 105 -3.41 -7.43 4.11
CA PRO A 105 -4.84 -7.64 3.84
C PRO A 105 -5.52 -6.35 3.40
N LEU A 106 -6.66 -6.53 2.74
CA LEU A 106 -7.44 -5.45 2.13
C LEU A 106 -7.64 -4.27 3.07
N HIS A 107 -7.24 -3.09 2.61
CA HIS A 107 -7.25 -1.88 3.43
C HIS A 107 -7.37 -0.66 2.52
N ASN A 108 -7.71 0.50 3.11
CA ASN A 108 -7.82 1.76 2.37
C ASN A 108 -6.64 2.68 2.68
N HIS A 109 -6.69 3.88 2.08
CA HIS A 109 -5.64 4.90 2.25
C HIS A 109 -6.33 6.26 2.25
N PRO A 110 -7.02 6.60 3.34
CA PRO A 110 -7.90 7.78 3.29
C PRO A 110 -7.09 9.07 3.13
N GLU A 111 -7.49 9.87 2.14
CA GLU A 111 -6.86 11.15 1.81
C GLU A 111 -5.41 11.00 1.38
N MET A 112 -5.01 9.81 0.96
CA MET A 112 -3.62 9.51 0.67
C MET A 112 -3.41 9.20 -0.81
N THR A 113 -2.21 9.56 -1.27
CA THR A 113 -1.70 9.25 -2.59
C THR A 113 -0.50 8.33 -2.39
N VAL A 114 -0.50 7.16 -3.02
CA VAL A 114 0.54 6.16 -2.75
C VAL A 114 1.14 5.71 -4.08
N PHE A 115 2.47 5.80 -4.17
CA PHE A 115 3.25 5.32 -5.31
C PHE A 115 3.85 3.99 -4.89
N SER A 116 3.76 2.97 -5.76
CA SER A 116 4.22 1.66 -5.33
C SER A 116 4.98 0.97 -6.46
N LYS A 117 6.13 0.38 -6.14
CA LYS A 117 6.88 -0.37 -7.14
C LYS A 117 7.30 -1.73 -6.61
N LEU A 118 6.87 -2.78 -7.30
CA LEU A 118 7.29 -4.14 -6.96
C LEU A 118 8.72 -4.32 -7.44
N LEU A 119 9.65 -4.46 -6.49
CA LEU A 119 11.07 -4.51 -6.80
C LEU A 119 11.50 -5.89 -7.32
N PHE A 120 10.97 -6.96 -6.73
CA PHE A 120 11.20 -8.32 -7.24
C PHE A 120 10.06 -9.20 -6.74
N GLY A 121 9.88 -10.34 -7.41
CA GLY A 121 8.89 -11.32 -6.98
C GLY A 121 7.66 -11.27 -7.86
N THR A 122 6.76 -12.22 -7.58
CA THR A 122 5.43 -12.27 -8.16
C THR A 122 4.43 -11.98 -7.05
N MET A 123 3.63 -10.94 -7.25
CA MET A 123 2.68 -10.46 -6.26
C MET A 123 1.29 -10.43 -6.88
N HIS A 124 0.28 -10.91 -6.17
CA HIS A 124 -1.08 -10.69 -6.62
C HIS A 124 -1.61 -9.42 -5.97
N ILE A 125 -2.28 -8.59 -6.78
CA ILE A 125 -2.91 -7.36 -6.30
C ILE A 125 -4.37 -7.38 -6.66
N LYS A 126 -5.22 -7.09 -5.68
CA LYS A 126 -6.63 -6.79 -5.89
C LYS A 126 -6.89 -5.39 -5.39
N SER A 127 -7.55 -4.54 -6.18
CA SER A 127 -7.85 -3.22 -5.70
C SER A 127 -9.23 -2.77 -6.15
N TYR A 128 -9.75 -1.77 -5.45
CA TYR A 128 -11.13 -1.29 -5.62
C TYR A 128 -11.19 0.21 -5.37
N ASP A 129 -12.27 0.84 -5.88
CA ASP A 129 -12.65 2.18 -5.44
C ASP A 129 -14.14 2.20 -5.10
N TRP A 130 -14.52 3.04 -4.15
CA TRP A 130 -15.93 3.16 -3.79
C TRP A 130 -16.75 3.66 -4.95
N VAL A 131 -17.98 3.15 -5.06
CA VAL A 131 -19.00 3.77 -5.90
C VAL A 131 -19.63 4.89 -5.06
N PRO A 132 -19.39 6.15 -5.40
CA PRO A 132 -19.90 7.24 -4.54
C PRO A 132 -21.41 7.26 -4.48
N ASP A 133 -21.92 7.65 -3.31
CA ASP A 133 -23.35 7.95 -3.13
C ASP A 133 -24.24 6.78 -3.52
N SER A 134 -23.84 5.57 -3.14
CA SER A 134 -24.62 4.39 -3.47
C SER A 134 -25.25 3.79 -2.23
N PRO A 135 -26.34 3.04 -2.39
CA PRO A 135 -27.00 2.43 -1.23
C PRO A 135 -26.13 1.38 -0.55
N GLN A 136 -26.40 1.15 0.73
CA GLN A 136 -25.65 0.18 1.50
C GLN A 136 -26.58 -0.83 2.14
N PRO A 137 -26.17 -2.10 2.24
CA PRO A 137 -26.98 -3.06 3.01
C PRO A 137 -26.90 -2.83 4.50
N SER A 138 -25.80 -2.25 4.97
CA SER A 138 -25.63 -1.93 6.37
C SER A 138 -24.58 -0.83 6.45
N SER A 139 -24.54 -0.16 7.62
CA SER A 139 -23.66 1.00 7.78
C SER A 139 -22.20 0.67 7.49
N ASP A 140 -21.78 -0.57 7.69
CA ASP A 140 -20.36 -0.90 7.58
C ASP A 140 -19.99 -1.51 6.23
N THR A 141 -20.94 -1.63 5.31
CA THR A 141 -20.71 -2.31 4.04
C THR A 141 -21.07 -1.39 2.88
N ARG A 142 -20.18 -1.31 1.89
CA ARG A 142 -20.28 -0.33 0.82
C ARG A 142 -19.94 -0.97 -0.51
N LEU A 143 -20.57 -0.47 -1.57
CA LEU A 143 -20.33 -0.96 -2.92
C LEU A 143 -19.03 -0.39 -3.48
N ALA A 144 -18.25 -1.24 -4.13
CA ALA A 144 -16.98 -0.86 -4.73
C ALA A 144 -16.83 -1.43 -6.13
N LYS A 145 -16.07 -0.73 -6.96
CA LYS A 145 -15.75 -1.13 -8.32
CA LYS A 145 -15.75 -1.14 -8.31
C LYS A 145 -14.34 -1.74 -8.33
N VAL A 146 -14.19 -2.92 -8.94
CA VAL A 146 -12.88 -3.56 -9.05
C VAL A 146 -12.03 -2.77 -10.04
N LYS A 147 -10.79 -2.45 -9.64
CA LYS A 147 -9.85 -1.80 -10.53
C LYS A 147 -8.73 -2.72 -11.01
N VAL A 148 -8.12 -3.49 -10.11
CA VAL A 148 -7.03 -4.38 -10.46
C VAL A 148 -7.34 -5.75 -9.85
N ASP A 149 -7.04 -6.81 -10.61
CA ASP A 149 -7.14 -8.17 -10.12
C ASP A 149 -6.19 -9.00 -10.96
N SER A 150 -4.92 -9.01 -10.58
CA SER A 150 -3.91 -9.55 -11.47
C SER A 150 -2.67 -9.94 -10.68
N ASP A 151 -1.93 -10.91 -11.23
CA ASP A 151 -0.57 -11.15 -10.79
C ASP A 151 0.36 -10.17 -11.49
N PHE A 152 1.42 -9.76 -10.78
CA PHE A 152 2.49 -8.91 -11.31
C PHE A 152 3.79 -9.62 -11.03
N THR A 153 4.64 -9.75 -12.05
CA THR A 153 5.95 -10.37 -11.90
C THR A 153 7.01 -9.35 -12.27
N ALA A 154 7.89 -9.06 -11.32
CA ALA A 154 8.92 -8.06 -11.57
C ALA A 154 9.87 -8.55 -12.67
N PRO A 155 10.49 -7.63 -13.41
CA PRO A 155 10.42 -6.15 -13.28
C PRO A 155 9.05 -5.57 -13.65
N CYS A 156 8.62 -4.63 -12.82
CA CYS A 156 7.35 -3.94 -12.95
C CYS A 156 7.55 -2.47 -12.76
N ASP A 157 6.68 -1.68 -13.37
CA ASP A 157 6.79 -0.25 -13.22
C ASP A 157 5.90 0.21 -12.06
N THR A 158 6.05 1.48 -11.71
CA THR A 158 5.36 2.07 -10.57
C THR A 158 3.88 2.26 -10.85
N SER A 159 3.05 2.04 -9.85
CA SER A 159 1.64 2.36 -9.90
C SER A 159 1.31 3.53 -8.97
N ILE A 160 0.15 4.14 -9.15
CA ILE A 160 -0.31 5.20 -8.27
C ILE A 160 -1.77 4.95 -7.90
N LEU A 161 -2.08 5.18 -6.64
CA LEU A 161 -3.46 5.29 -6.19
C LEU A 161 -3.64 6.68 -5.60
N TYR A 162 -4.86 7.16 -5.69
CA TYR A 162 -5.27 8.48 -5.24
C TYR A 162 -6.29 8.35 -4.12
N PRO A 163 -6.67 9.44 -3.47
CA PRO A 163 -7.64 9.32 -2.35
C PRO A 163 -8.94 8.66 -2.75
N ALA A 164 -9.38 8.83 -4.02
CA ALA A 164 -10.65 8.25 -4.44
C ALA A 164 -10.59 7.76 -5.89
N ASP A 165 -9.43 7.31 -6.34
CA ASP A 165 -9.30 6.73 -7.68
C ASP A 165 -8.02 5.92 -7.71
N GLY A 166 -7.87 5.12 -8.77
CA GLY A 166 -6.64 4.35 -8.91
C GLY A 166 -6.51 3.20 -7.96
N GLY A 167 -7.59 2.83 -7.26
CA GLY A 167 -7.59 1.68 -6.39
C GLY A 167 -7.23 2.04 -4.97
N ASN A 168 -8.05 2.87 -4.33
CA ASN A 168 -7.73 3.27 -2.97
C ASN A 168 -7.81 2.13 -1.98
N MET A 169 -8.56 1.06 -2.29
CA MET A 169 -8.58 -0.11 -1.41
C MET A 169 -7.79 -1.20 -2.10
N HIS A 170 -6.81 -1.79 -1.41
CA HIS A 170 -6.09 -2.87 -2.09
C HIS A 170 -5.62 -3.93 -1.09
N CYS A 171 -5.32 -5.10 -1.65
CA CYS A 171 -4.81 -6.26 -0.93
C CYS A 171 -3.64 -6.84 -1.72
N PHE A 172 -2.51 -7.05 -1.05
CA PHE A 172 -1.30 -7.59 -1.70
C PHE A 172 -1.04 -8.99 -1.15
N THR A 173 -0.86 -9.96 -2.04
CA THR A 173 -0.56 -11.33 -1.63
C THR A 173 0.65 -11.82 -2.42
N ALA A 174 1.73 -12.12 -1.72
CA ALA A 174 2.95 -12.57 -2.37
C ALA A 174 2.80 -14.01 -2.79
N LYS A 175 3.16 -14.33 -4.03
CA LYS A 175 3.24 -15.73 -4.47
C LYS A 175 4.64 -16.28 -4.40
N THR A 176 5.65 -15.42 -4.52
CA THR A 176 7.04 -15.71 -4.25
C THR A 176 7.51 -14.63 -3.29
N ALA A 177 8.77 -14.71 -2.89
CA ALA A 177 9.35 -13.62 -2.10
C ALA A 177 9.24 -12.31 -2.87
N CYS A 178 8.71 -11.28 -2.21
CA CYS A 178 8.49 -9.99 -2.86
C CYS A 178 9.03 -8.87 -1.99
N ALA A 179 9.57 -7.84 -2.65
CA ALA A 179 9.87 -6.58 -1.97
C ALA A 179 9.11 -5.46 -2.68
N VAL A 180 8.42 -4.61 -1.92
CA VAL A 180 7.66 -3.49 -2.48
C VAL A 180 8.19 -2.18 -1.91
N LEU A 181 8.51 -1.25 -2.80
CA LEU A 181 8.92 0.11 -2.41
C LEU A 181 7.68 1.00 -2.50
N ASP A 182 7.31 1.61 -1.38
CA ASP A 182 6.12 2.46 -1.31
C ASP A 182 6.54 3.87 -0.91
N VAL A 183 5.95 4.86 -1.58
CA VAL A 183 5.99 6.26 -1.17
C VAL A 183 4.55 6.66 -0.87
N ILE A 184 4.32 7.08 0.37
CA ILE A 184 2.98 7.23 0.93
C ILE A 184 2.81 8.69 1.33
N GLY A 185 1.88 9.39 0.70
CA GLY A 185 1.69 10.79 1.00
C GLY A 185 0.25 11.21 1.25
N PRO A 186 -0.06 11.63 2.47
CA PRO A 186 0.75 11.55 3.69
C PRO A 186 0.63 10.18 4.32
N PRO A 187 1.38 9.92 5.38
CA PRO A 187 1.22 8.66 6.10
C PRO A 187 -0.13 8.57 6.79
N TYR A 188 -0.51 7.34 7.17
CA TYR A 188 -1.64 7.19 8.09
C TYR A 188 -1.38 8.02 9.35
N SER A 189 -2.46 8.49 9.98
CA SER A 189 -2.32 9.13 11.28
C SER A 189 -3.68 9.05 11.99
N ASP A 190 -3.75 8.28 13.07
CA ASP A 190 -5.00 8.30 13.85
C ASP A 190 -5.28 9.68 14.43
N PRO A 191 -4.32 10.41 14.99
CA PRO A 191 -4.64 11.77 15.47
C PRO A 191 -5.25 12.66 14.38
N ALA A 192 -4.74 12.59 13.15
CA ALA A 192 -5.25 13.41 12.05
C ALA A 192 -6.51 12.85 11.39
N GLY A 193 -7.05 11.73 11.88
CA GLY A 193 -8.25 11.20 11.28
C GLY A 193 -8.04 10.37 10.03
N ARG A 194 -6.81 9.98 9.72
CA ARG A 194 -6.51 9.10 8.58
C ARG A 194 -6.24 7.70 9.13
N HIS A 195 -7.32 6.98 9.43
CA HIS A 195 -7.20 5.66 10.04
C HIS A 195 -6.94 4.63 8.95
N CYS A 196 -6.28 3.55 9.30
CA CYS A 196 -6.09 2.43 8.39
C CYS A 196 -7.25 1.47 8.61
N THR A 197 -8.19 1.41 7.67
CA THR A 197 -9.37 0.57 7.81
C THR A 197 -9.20 -0.68 6.98
N TYR A 198 -9.63 -1.83 7.53
CA TYR A 198 -9.54 -3.10 6.84
C TYR A 198 -10.92 -3.58 6.44
N TYR A 199 -10.96 -4.49 5.45
CA TYR A 199 -12.23 -4.92 4.89
C TYR A 199 -12.24 -6.40 4.55
N PHE A 200 -13.43 -6.98 4.65
CA PHE A 200 -13.76 -8.24 4.01
C PHE A 200 -14.46 -7.95 2.71
N ASP A 201 -14.07 -8.62 1.62
CA ASP A 201 -14.73 -8.37 0.34
C ASP A 201 -15.62 -9.54 -0.04
N TYR A 202 -16.72 -9.21 -0.75
CA TYR A 202 -17.77 -10.15 -1.16
C TYR A 202 -18.13 -9.87 -2.61
N PRO A 203 -18.53 -10.91 -3.34
CA PRO A 203 -19.04 -10.68 -4.70
C PRO A 203 -20.29 -9.82 -4.67
N PHE A 204 -20.53 -9.15 -5.80
CA PHE A 204 -21.72 -8.30 -5.91
C PHE A 204 -22.97 -9.09 -5.57
N SER A 205 -23.06 -10.32 -6.08
CA SER A 205 -24.26 -11.14 -5.91
C SER A 205 -24.49 -11.58 -4.48
N SER A 206 -23.58 -11.25 -3.54
CA SER A 206 -23.78 -11.63 -2.14
C SER A 206 -24.73 -10.69 -1.40
N PHE A 207 -25.00 -9.51 -1.94
CA PHE A 207 -25.89 -8.55 -1.31
C PHE A 207 -26.83 -8.01 -2.38
N SER A 208 -28.13 -8.11 -2.13
CA SER A 208 -29.17 -7.63 -3.05
C SER A 208 -29.83 -6.44 -2.37
N VAL A 209 -29.49 -5.22 -2.80
CA VAL A 209 -29.87 -3.99 -2.10
C VAL A 209 -30.80 -3.14 -2.98
N ASP A 210 -31.83 -2.53 -2.39
CA ASP A 210 -32.73 -1.74 -3.23
C ASP A 210 -32.04 -0.47 -3.72
N GLY A 211 -32.41 -0.04 -4.93
CA GLY A 211 -31.82 1.16 -5.47
C GLY A 211 -30.48 0.95 -6.12
N VAL A 212 -30.05 -0.31 -6.24
CA VAL A 212 -28.84 -0.70 -6.95
C VAL A 212 -29.22 -1.68 -8.05
N VAL A 213 -28.90 -1.32 -9.30
CA VAL A 213 -29.13 -2.21 -10.43
C VAL A 213 -27.85 -2.25 -11.24
N VAL A 214 -27.27 -3.45 -11.39
CA VAL A 214 -26.06 -3.65 -12.17
C VAL A 214 -26.34 -4.71 -13.22
N ALA A 215 -26.03 -4.40 -14.48
CA ALA A 215 -26.19 -5.35 -15.58
C ALA A 215 -25.39 -6.64 -15.35
N GLU A 216 -25.93 -7.74 -15.86
CA GLU A 216 -25.37 -9.06 -15.59
C GLU A 216 -23.88 -9.11 -15.91
N GLU A 217 -23.48 -8.63 -17.10
CA GLU A 217 -22.09 -8.78 -17.50
C GLU A 217 -21.15 -7.82 -16.77
N GLU A 218 -21.68 -6.88 -15.99
CA GLU A 218 -20.86 -5.98 -15.21
C GLU A 218 -20.72 -6.40 -13.76
N LYS A 219 -21.49 -7.38 -13.31
CA LYS A 219 -21.55 -7.71 -11.88
C LYS A 219 -20.19 -8.18 -11.37
N GLU A 220 -19.44 -8.91 -12.19
CA GLU A 220 -18.14 -9.39 -11.73
C GLU A 220 -17.15 -8.25 -11.52
N GLY A 221 -17.44 -7.07 -12.02
CA GLY A 221 -16.61 -5.90 -11.82
C GLY A 221 -16.90 -5.12 -10.57
N TYR A 222 -17.80 -5.60 -9.71
CA TYR A 222 -18.16 -4.93 -8.47
C TYR A 222 -18.01 -5.89 -7.30
N ALA A 223 -17.97 -5.31 -6.11
CA ALA A 223 -17.85 -6.09 -4.87
C ALA A 223 -18.47 -5.26 -3.76
N TRP A 224 -18.86 -5.94 -2.69
CA TRP A 224 -19.25 -5.30 -1.46
C TRP A 224 -18.13 -5.44 -0.45
N LEU A 225 -17.69 -4.33 0.13
CA LEU A 225 -16.62 -4.36 1.12
C LEU A 225 -17.17 -4.01 2.50
N LYS A 226 -16.90 -4.87 3.48
CA LYS A 226 -17.40 -4.72 4.83
C LYS A 226 -16.23 -4.35 5.75
N GLU A 227 -16.35 -3.23 6.46
CA GLU A 227 -15.33 -2.83 7.44
C GLU A 227 -15.15 -3.90 8.49
N ARG A 228 -13.89 -4.15 8.87
CA ARG A 228 -13.64 -5.09 9.96
C ARG A 228 -12.43 -4.64 10.78
N GLU A 229 -12.44 -5.02 12.06
CA GLU A 229 -11.40 -4.53 12.96
C GLU A 229 -10.03 -5.12 12.61
N GLU A 230 -9.00 -4.29 12.78
CA GLU A 230 -7.62 -4.73 12.68
C GLU A 230 -7.37 -5.91 13.60
N LYS A 231 -6.57 -6.87 13.12
CA LYS A 231 -6.15 -8.04 13.86
C LYS A 231 -4.64 -8.05 13.97
N PRO A 232 -4.08 -8.65 15.03
CA PRO A 232 -2.61 -8.70 15.15
C PRO A 232 -1.92 -9.27 13.91
N GLU A 233 -2.56 -10.23 13.25
CA GLU A 233 -1.98 -10.87 12.08
C GLU A 233 -1.89 -9.93 10.87
N ASP A 234 -2.58 -8.80 10.89
CA ASP A 234 -2.47 -7.81 9.83
C ASP A 234 -1.15 -7.09 9.86
N LEU A 235 -0.51 -7.01 11.01
CA LEU A 235 0.56 -6.05 11.23
C LEU A 235 1.90 -6.55 10.76
N THR A 236 2.67 -5.65 10.14
CA THR A 236 4.06 -5.94 9.84
C THR A 236 4.89 -5.93 11.11
N VAL A 237 6.05 -6.56 11.03
CA VAL A 237 6.99 -6.63 12.14
C VAL A 237 8.25 -5.84 11.79
N THR A 238 9.01 -5.48 12.83
CA THR A 238 10.27 -4.75 12.65
C THR A 238 11.40 -5.67 12.20
N ALA A 239 12.42 -5.06 11.60
CA ALA A 239 13.65 -5.75 11.23
C ALA A 239 14.64 -5.72 12.39
N LEU A 240 15.50 -6.72 12.47
CA LEU A 240 16.55 -6.68 13.48
C LEU A 240 17.53 -5.54 13.20
N MET A 241 17.75 -4.68 14.20
CA MET A 241 18.79 -3.65 14.12
C MET A 241 20.16 -4.28 13.86
N TYR A 242 20.56 -5.25 14.70
CA TYR A 242 21.83 -5.96 14.58
C TYR A 242 21.55 -7.40 14.16
N SER A 243 22.06 -7.81 13.02
CA SER A 243 21.73 -9.13 12.48
C SER A 243 22.81 -10.17 12.74
N GLY A 244 23.83 -9.85 13.55
CA GLY A 244 24.75 -10.85 14.03
C GLY A 244 25.82 -11.21 13.02
N PRO A 245 26.64 -12.23 13.35
CA PRO A 245 27.64 -12.78 12.43
C PRO A 245 27.03 -13.17 11.09
#